data_9LJD
#
_entry.id   9LJD
#
_entity_poly.entity_id   1
_entity_poly.type   'polypeptide(L)'
_entity_poly.pdbx_seq_one_letter_code
;KNKSRVARGWGRKCPLFG
;
_entity_poly.pdbx_strand_id   A
#
# COMPACT_ATOMS: atom_id res chain seq x y z
N LYS A 1 4.84 -1.56 13.70
CA LYS A 1 4.31 -0.34 13.08
C LYS A 1 2.91 -0.58 12.56
N ASN A 2 2.08 0.46 12.63
CA ASN A 2 0.70 0.37 12.16
C ASN A 2 0.58 0.85 10.71
N LYS A 3 1.50 1.71 10.31
CA LYS A 3 1.51 2.24 8.94
C LYS A 3 1.42 1.12 7.92
N SER A 4 0.24 0.94 7.34
CA SER A 4 0.03 -0.11 6.35
C SER A 4 0.00 0.48 4.94
N ARG A 5 1.18 0.65 4.35
CA ARG A 5 1.30 1.21 3.01
C ARG A 5 1.91 0.19 2.06
N VAL A 6 2.38 -0.92 2.61
CA VAL A 6 3.00 -1.98 1.81
C VAL A 6 2.30 -3.31 2.02
N ALA A 7 1.43 -3.36 3.03
CA ALA A 7 0.69 -4.58 3.35
C ALA A 7 0.46 -5.42 2.09
N ARG A 8 -0.29 -4.87 1.15
CA ARG A 8 -0.58 -5.58 -0.09
C ARG A 8 -0.12 -4.77 -1.30
N GLY A 9 1.20 -4.66 -1.46
CA GLY A 9 1.75 -3.91 -2.58
C GLY A 9 0.75 -3.73 -3.72
N TRP A 10 0.09 -2.58 -3.73
CA TRP A 10 -0.89 -2.28 -4.77
C TRP A 10 -0.27 -1.47 -5.90
N GLY A 11 0.46 -2.16 -6.78
CA GLY A 11 1.10 -1.49 -7.90
C GLY A 11 0.17 -1.34 -9.09
N ARG A 12 -1.10 -1.67 -8.89
CA ARG A 12 -2.09 -1.58 -9.96
C ARG A 12 -2.55 -0.13 -10.15
N LYS A 13 -3.31 0.38 -9.19
CA LYS A 13 -3.81 1.74 -9.25
C LYS A 13 -3.19 2.60 -8.15
N CYS A 14 -3.87 2.67 -7.01
CA CYS A 14 -3.38 3.46 -5.88
C CYS A 14 -2.22 2.75 -5.18
N PRO A 15 -1.07 3.44 -5.11
CA PRO A 15 0.13 2.89 -4.46
C PRO A 15 -0.02 2.78 -2.95
N LEU A 16 -0.82 3.67 -2.37
CA LEU A 16 -1.05 3.67 -0.93
C LEU A 16 -2.54 3.52 -0.61
N PHE A 17 -2.97 2.29 -0.38
CA PHE A 17 -4.36 2.01 -0.07
C PHE A 17 -4.71 2.46 1.35
N GLY A 18 -3.76 2.26 2.26
CA GLY A 18 -3.98 2.65 3.64
C GLY A 18 -4.18 4.15 3.80
N LYS A 1 -2.83 4.46 10.24
CA LYS A 1 -2.86 3.45 9.19
C LYS A 1 -1.64 3.56 8.28
N ASN A 2 -0.52 4.01 8.85
CA ASN A 2 0.71 4.16 8.10
C ASN A 2 1.77 3.16 8.57
N LYS A 3 1.38 1.88 8.62
CA LYS A 3 2.29 0.84 9.05
C LYS A 3 2.65 -0.09 7.90
N SER A 4 1.75 -0.16 6.92
CA SER A 4 1.97 -1.02 5.76
C SER A 4 2.03 -0.19 4.47
N ARG A 5 3.23 0.00 3.96
CA ARG A 5 3.42 0.78 2.74
C ARG A 5 3.76 -0.13 1.56
N VAL A 6 4.49 -1.21 1.83
CA VAL A 6 4.87 -2.16 0.79
C VAL A 6 4.40 -3.57 1.14
N ALA A 7 3.75 -3.70 2.28
CA ALA A 7 3.24 -4.99 2.73
C ALA A 7 2.80 -5.84 1.55
N ARG A 8 1.80 -5.36 0.81
CA ARG A 8 1.28 -6.08 -0.35
C ARG A 8 1.38 -5.22 -1.60
N GLY A 9 2.61 -4.98 -2.06
CA GLY A 9 2.81 -4.17 -3.25
C GLY A 9 1.56 -4.08 -4.12
N TRP A 10 0.81 -3.01 -3.95
CA TRP A 10 -0.42 -2.81 -4.72
C TRP A 10 -0.15 -1.94 -5.94
N GLY A 11 0.44 -2.53 -6.97
CA GLY A 11 0.73 -1.79 -8.18
C GLY A 11 -0.44 -1.74 -9.14
N ARG A 12 -1.55 -1.18 -8.67
CA ARG A 12 -2.75 -1.07 -9.49
C ARG A 12 -3.16 0.39 -9.68
N LYS A 13 -3.74 0.97 -8.65
CA LYS A 13 -4.18 2.37 -8.69
C LYS A 13 -3.49 3.19 -7.61
N CYS A 14 -3.40 2.62 -6.42
CA CYS A 14 -2.76 3.31 -5.29
C CYS A 14 -1.57 2.50 -4.77
N PRO A 15 -0.38 3.12 -4.78
CA PRO A 15 0.85 2.48 -4.31
C PRO A 15 0.86 2.29 -2.80
N LEU A 16 0.09 3.11 -2.09
CA LEU A 16 0.00 3.02 -0.64
C LEU A 16 -1.43 2.77 -0.19
N PHE A 17 -1.77 1.50 0.01
CA PHE A 17 -3.12 1.13 0.44
C PHE A 17 -3.54 1.94 1.67
N GLY A 18 -2.55 2.40 2.43
CA GLY A 18 -2.84 3.18 3.62
C GLY A 18 -2.40 4.63 3.49
N LYS A 1 -2.57 4.37 10.31
CA LYS A 1 -2.71 3.02 9.79
C LYS A 1 -1.99 2.88 8.45
N ASN A 2 -0.89 3.61 8.30
CA ASN A 2 -0.11 3.56 7.06
C ASN A 2 1.23 2.86 7.29
N LYS A 3 1.27 1.99 8.29
CA LYS A 3 2.48 1.25 8.62
C LYS A 3 2.89 0.35 7.46
N SER A 4 1.92 -0.05 6.65
CA SER A 4 2.18 -0.93 5.51
C SER A 4 2.22 -0.12 4.21
N ARG A 5 3.42 0.11 3.70
CA ARG A 5 3.60 0.86 2.46
C ARG A 5 3.91 -0.07 1.30
N VAL A 6 4.64 -1.15 1.58
CA VAL A 6 5.01 -2.11 0.56
C VAL A 6 4.53 -3.52 0.94
N ALA A 7 3.89 -3.63 2.10
CA ALA A 7 3.38 -4.91 2.57
C ALA A 7 2.92 -5.78 1.40
N ARG A 8 1.92 -5.30 0.67
CA ARG A 8 1.40 -6.03 -0.48
C ARG A 8 1.48 -5.19 -1.75
N GLY A 9 2.70 -4.97 -2.22
CA GLY A 9 2.90 -4.19 -3.42
C GLY A 9 1.65 -4.10 -4.28
N TRP A 10 0.89 -3.02 -4.12
CA TRP A 10 -0.33 -2.82 -4.88
C TRP A 10 -0.07 -1.98 -6.12
N GLY A 11 0.50 -2.59 -7.15
CA GLY A 11 0.80 -1.88 -8.38
C GLY A 11 -0.39 -1.85 -9.32
N ARG A 12 -1.51 -1.29 -8.86
CA ARG A 12 -2.70 -1.21 -9.68
C ARG A 12 -3.13 0.24 -9.88
N LYS A 13 -3.70 0.84 -8.85
CA LYS A 13 -4.15 2.22 -8.91
C LYS A 13 -3.45 3.08 -7.86
N CYS A 14 -3.34 2.53 -6.65
CA CYS A 14 -2.69 3.24 -5.55
C CYS A 14 -1.51 2.45 -5.02
N PRO A 15 -0.31 3.07 -5.06
CA PRO A 15 0.92 2.44 -4.58
C PRO A 15 0.94 2.27 -3.07
N LEU A 16 0.18 3.11 -2.37
CA LEU A 16 0.11 3.06 -0.92
C LEU A 16 -1.31 2.81 -0.45
N PHE A 17 -1.65 1.56 -0.21
CA PHE A 17 -2.99 1.19 0.23
C PHE A 17 -3.39 2.00 1.48
N GLY A 18 -2.38 2.48 2.20
CA GLY A 18 -2.64 3.27 3.40
C GLY A 18 -2.22 4.72 3.24
N LYS A 1 -2.77 5.53 8.21
CA LYS A 1 -2.06 4.27 8.47
C LYS A 1 -0.72 4.24 7.74
N ASN A 2 0.37 4.39 8.49
CA ASN A 2 1.70 4.37 7.90
C ASN A 2 2.44 3.09 8.27
N LYS A 3 1.69 2.00 8.42
CA LYS A 3 2.27 0.72 8.77
C LYS A 3 2.66 -0.07 7.52
N SER A 4 1.64 -0.56 6.81
CA SER A 4 1.87 -1.34 5.60
C SER A 4 1.88 -0.43 4.37
N ARG A 5 3.07 -0.11 3.89
CA ARG A 5 3.23 0.75 2.72
C ARG A 5 3.61 -0.07 1.49
N VAL A 6 4.40 -1.11 1.70
CA VAL A 6 4.84 -1.98 0.61
C VAL A 6 4.44 -3.43 0.86
N ALA A 7 3.79 -3.67 2.00
CA ALA A 7 3.35 -5.01 2.36
C ALA A 7 2.95 -5.80 1.12
N ARG A 8 1.94 -5.33 0.41
CA ARG A 8 1.46 -6.00 -0.79
C ARG A 8 1.51 -5.06 -1.99
N GLY A 9 2.73 -4.73 -2.42
CA GLY A 9 2.90 -3.84 -3.56
C GLY A 9 1.65 -3.76 -4.42
N TRP A 10 0.85 -2.74 -4.20
CA TRP A 10 -0.39 -2.55 -4.96
C TRP A 10 -0.16 -1.59 -6.12
N GLY A 11 0.46 -2.09 -7.18
CA GLY A 11 0.73 -1.26 -8.35
C GLY A 11 -0.44 -1.22 -9.31
N ARG A 12 -1.59 -0.76 -8.83
CA ARG A 12 -2.80 -0.68 -9.65
C ARG A 12 -3.29 0.76 -9.74
N LYS A 13 -3.92 1.24 -8.68
CA LYS A 13 -4.44 2.60 -8.64
C LYS A 13 -3.80 3.39 -7.50
N CYS A 14 -3.68 2.76 -6.35
CA CYS A 14 -3.09 3.41 -5.18
C CYS A 14 -1.86 2.64 -4.70
N PRO A 15 -0.70 3.34 -4.67
CA PRO A 15 0.56 2.75 -4.23
C PRO A 15 0.58 2.46 -2.73
N LEU A 16 -0.24 3.19 -1.99
CA LEU A 16 -0.31 3.01 -0.53
C LEU A 16 -1.73 2.66 -0.11
N PHE A 17 -2.00 1.37 0.02
CA PHE A 17 -3.32 0.89 0.41
C PHE A 17 -3.78 1.58 1.70
N GLY A 18 -2.81 2.06 2.48
CA GLY A 18 -3.13 2.74 3.73
C GLY A 18 -3.09 4.24 3.59
N LYS A 1 -1.67 2.62 10.67
CA LYS A 1 -1.63 2.27 9.26
C LYS A 1 -0.77 3.26 8.48
N ASN A 2 0.25 3.79 9.12
CA ASN A 2 1.15 4.75 8.49
C ASN A 2 2.46 4.08 8.09
N LYS A 3 2.85 3.06 8.84
CA LYS A 3 4.09 2.33 8.57
C LYS A 3 3.87 1.26 7.50
N SER A 4 2.65 0.74 7.43
CA SER A 4 2.32 -0.28 6.46
C SER A 4 2.06 0.33 5.08
N ARG A 5 3.13 0.57 4.34
CA ARG A 5 3.02 1.15 3.01
C ARG A 5 3.32 0.12 1.93
N VAL A 6 3.91 -1.00 2.34
CA VAL A 6 4.24 -2.08 1.42
C VAL A 6 3.59 -3.39 1.82
N ALA A 7 2.82 -3.34 2.90
CA ALA A 7 2.13 -4.53 3.39
C ALA A 7 1.70 -5.43 2.25
N ARG A 8 0.84 -4.92 1.37
CA ARG A 8 0.35 -5.68 0.23
C ARG A 8 0.65 -4.95 -1.07
N GLY A 9 1.93 -4.89 -1.43
CA GLY A 9 2.33 -4.21 -2.64
C GLY A 9 1.18 -4.07 -3.62
N TRP A 10 0.55 -2.90 -3.63
CA TRP A 10 -0.57 -2.63 -4.53
C TRP A 10 -0.10 -1.90 -5.78
N GLY A 11 0.49 -2.64 -6.71
CA GLY A 11 0.97 -2.04 -7.94
C GLY A 11 -0.11 -1.94 -9.00
N ARG A 12 -1.25 -1.36 -8.63
CA ARG A 12 -2.36 -1.21 -9.54
C ARG A 12 -2.72 0.27 -9.72
N LYS A 13 -3.36 0.85 -8.71
CA LYS A 13 -3.75 2.25 -8.76
C LYS A 13 -3.08 3.04 -7.63
N CYS A 14 -3.58 2.85 -6.41
CA CYS A 14 -3.03 3.54 -5.25
C CYS A 14 -1.75 2.87 -4.76
N PRO A 15 -0.65 3.63 -4.76
CA PRO A 15 0.66 3.12 -4.32
C PRO A 15 0.70 2.86 -2.82
N LEU A 16 0.04 3.72 -2.05
CA LEU A 16 0.01 3.59 -0.61
C LEU A 16 -1.42 3.44 -0.10
N PHE A 17 -1.87 2.20 0.03
CA PHE A 17 -3.22 1.92 0.50
C PHE A 17 -3.43 2.43 1.92
N GLY A 18 -2.39 2.29 2.74
CA GLY A 18 -2.47 2.74 4.12
C GLY A 18 -2.11 4.21 4.27
N LYS A 1 2.22 2.72 12.51
CA LYS A 1 1.21 3.44 11.72
C LYS A 1 1.38 3.15 10.24
N ASN A 2 2.61 2.85 9.83
CA ASN A 2 2.89 2.55 8.44
C ASN A 2 3.13 1.05 8.23
N LYS A 3 2.06 0.27 8.36
CA LYS A 3 2.15 -1.18 8.20
C LYS A 3 1.44 -1.62 6.92
N SER A 4 0.41 -0.87 6.53
CA SER A 4 -0.36 -1.19 5.33
C SER A 4 0.03 -0.27 4.19
N ARG A 5 1.29 0.15 4.17
CA ARG A 5 1.79 1.03 3.12
C ARG A 5 2.47 0.25 2.01
N VAL A 6 3.29 -0.73 2.41
CA VAL A 6 4.00 -1.56 1.44
C VAL A 6 3.68 -3.04 1.65
N ALA A 7 2.85 -3.33 2.65
CA ALA A 7 2.45 -4.69 2.95
C ALA A 7 2.40 -5.54 1.68
N ARG A 8 1.51 -5.17 0.77
CA ARG A 8 1.35 -5.90 -0.49
C ARG A 8 1.56 -4.97 -1.68
N GLY A 9 2.81 -4.53 -1.87
CA GLY A 9 3.11 -3.64 -2.97
C GLY A 9 2.08 -3.70 -4.07
N TRP A 10 1.14 -2.76 -4.04
CA TRP A 10 0.08 -2.70 -5.04
C TRP A 10 0.45 -1.74 -6.17
N GLY A 11 1.33 -2.18 -7.06
CA GLY A 11 1.74 -1.35 -8.17
C GLY A 11 0.72 -1.32 -9.29
N ARG A 12 -0.49 -0.86 -8.98
CA ARG A 12 -1.56 -0.79 -9.96
C ARG A 12 -2.04 0.65 -10.14
N LYS A 13 -2.80 1.12 -9.15
CA LYS A 13 -3.33 2.49 -9.19
C LYS A 13 -2.84 3.29 -8.00
N CYS A 14 -3.10 2.78 -6.80
CA CYS A 14 -2.69 3.45 -5.56
C CYS A 14 -1.75 2.57 -4.76
N PRO A 15 -0.55 3.09 -4.48
CA PRO A 15 0.48 2.37 -3.71
C PRO A 15 0.09 2.22 -2.24
N LEU A 16 -0.98 2.89 -1.84
CA LEU A 16 -1.45 2.82 -0.46
C LEU A 16 -2.89 2.31 -0.40
N PHE A 17 -3.04 1.00 -0.31
CA PHE A 17 -4.37 0.39 -0.24
C PHE A 17 -5.02 0.65 1.11
N GLY A 18 -4.20 0.86 2.14
CA GLY A 18 -4.71 1.11 3.47
C GLY A 18 -5.27 2.52 3.61
N LYS A 1 -0.15 -4.37 11.91
CA LYS A 1 0.76 -3.24 12.01
C LYS A 1 0.05 -1.95 11.62
N ASN A 2 0.72 -0.83 11.84
CA ASN A 2 0.16 0.48 11.51
C ASN A 2 0.49 0.87 10.07
N LYS A 3 1.62 0.36 9.57
CA LYS A 3 2.04 0.65 8.20
C LYS A 3 0.91 0.40 7.21
N SER A 4 0.28 1.48 6.74
CA SER A 4 -0.81 1.37 5.80
C SER A 4 -0.35 1.76 4.39
N ARG A 5 0.92 1.53 4.11
CA ARG A 5 1.48 1.87 2.80
C ARG A 5 1.90 0.60 2.05
N VAL A 6 2.28 -0.43 2.81
CA VAL A 6 2.70 -1.69 2.21
C VAL A 6 1.85 -2.85 2.73
N ALA A 7 0.92 -2.55 3.62
CA ALA A 7 0.03 -3.56 4.19
C ALA A 7 -0.26 -4.66 3.18
N ARG A 8 -0.90 -4.27 2.07
CA ARG A 8 -1.24 -5.23 1.02
C ARG A 8 -0.64 -4.81 -0.32
N GLY A 9 0.69 -4.90 -0.41
CA GLY A 9 1.36 -4.54 -1.64
C GLY A 9 0.44 -4.52 -2.84
N TRP A 10 -0.06 -3.34 -3.19
CA TRP A 10 -0.97 -3.21 -4.32
C TRP A 10 -0.21 -2.78 -5.58
N GLY A 11 0.47 -3.73 -6.20
CA GLY A 11 1.23 -3.44 -7.40
C GLY A 11 0.37 -3.50 -8.65
N ARG A 12 -0.66 -2.66 -8.71
CA ARG A 12 -1.56 -2.62 -9.85
C ARG A 12 -1.54 -1.24 -10.51
N LYS A 13 -2.23 -0.29 -9.88
CA LYS A 13 -2.29 1.07 -10.39
C LYS A 13 -1.74 2.07 -9.38
N CYS A 14 -2.09 1.88 -8.12
CA CYS A 14 -1.63 2.77 -7.05
C CYS A 14 -0.86 1.98 -6.00
N PRO A 15 0.41 2.37 -5.78
CA PRO A 15 1.29 1.72 -4.81
C PRO A 15 0.87 2.00 -3.37
N LEU A 16 0.14 3.10 -3.18
CA LEU A 16 -0.33 3.47 -1.84
C LEU A 16 -1.85 3.58 -1.82
N PHE A 17 -2.50 2.49 -1.44
CA PHE A 17 -3.96 2.45 -1.36
C PHE A 17 -4.48 3.57 -0.47
N GLY A 18 -3.63 4.06 0.42
CA GLY A 18 -4.03 5.13 1.32
C GLY A 18 -3.84 6.50 0.71
N LYS A 1 -2.27 1.13 9.66
CA LYS A 1 -2.41 1.06 8.21
C LYS A 1 -1.31 1.86 7.52
N ASN A 2 -0.82 2.89 8.20
CA ASN A 2 0.24 3.73 7.65
C ASN A 2 1.54 2.94 7.51
N LYS A 3 1.73 1.97 8.39
CA LYS A 3 2.93 1.14 8.38
C LYS A 3 2.94 0.21 7.17
N SER A 4 1.75 -0.13 6.68
CA SER A 4 1.62 -1.01 5.53
C SER A 4 1.68 -0.22 4.23
N ARG A 5 2.89 -0.02 3.72
CA ARG A 5 3.09 0.73 2.48
C ARG A 5 3.60 -0.19 1.38
N VAL A 6 4.26 -1.27 1.77
CA VAL A 6 4.80 -2.23 0.81
C VAL A 6 4.26 -3.64 1.06
N ALA A 7 3.63 -3.82 2.22
CA ALA A 7 3.07 -5.11 2.58
C ALA A 7 2.64 -5.89 1.35
N ARG A 8 1.68 -5.35 0.60
CA ARG A 8 1.19 -5.99 -0.60
C ARG A 8 1.35 -5.08 -1.81
N GLY A 9 2.59 -4.88 -2.22
CA GLY A 9 2.87 -4.02 -3.37
C GLY A 9 1.65 -3.85 -4.26
N TRP A 10 0.94 -2.74 -4.09
CA TRP A 10 -0.25 -2.47 -4.87
C TRP A 10 0.08 -1.54 -6.04
N GLY A 11 0.68 -2.11 -7.09
CA GLY A 11 1.03 -1.32 -8.26
C GLY A 11 -0.09 -1.27 -9.28
N ARG A 12 -1.24 -0.75 -8.87
CA ARG A 12 -2.38 -0.64 -9.76
C ARG A 12 -2.83 0.81 -9.91
N LYS A 13 -3.51 1.33 -8.89
CA LYS A 13 -3.99 2.70 -8.91
C LYS A 13 -3.42 3.49 -7.74
N CYS A 14 -3.33 2.83 -6.58
CA CYS A 14 -2.80 3.47 -5.39
C CYS A 14 -1.57 2.73 -4.86
N PRO A 15 -0.44 3.44 -4.78
CA PRO A 15 0.82 2.87 -4.30
C PRO A 15 0.79 2.56 -2.81
N LEU A 16 0.02 3.34 -2.06
CA LEU A 16 -0.09 3.15 -0.63
C LEU A 16 -1.54 2.89 -0.22
N PHE A 17 -1.92 1.62 -0.15
CA PHE A 17 -3.27 1.24 0.22
C PHE A 17 -3.65 1.85 1.56
N GLY A 18 -2.65 2.16 2.37
CA GLY A 18 -2.91 2.75 3.68
C GLY A 18 -3.62 4.09 3.58
N LYS A 1 2.96 -2.27 12.14
CA LYS A 1 1.99 -1.24 12.46
C LYS A 1 0.88 -1.21 11.41
N ASN A 2 -0.15 -0.41 11.68
CA ASN A 2 -1.28 -0.28 10.76
C ASN A 2 -0.83 0.29 9.41
N LYS A 3 0.20 1.12 9.46
CA LYS A 3 0.74 1.73 8.24
C LYS A 3 1.01 0.66 7.18
N SER A 4 0.12 0.59 6.18
CA SER A 4 0.27 -0.38 5.10
C SER A 4 0.58 0.32 3.78
N ARG A 5 1.86 0.49 3.48
CA ARG A 5 2.29 1.14 2.26
C ARG A 5 2.78 0.12 1.24
N VAL A 6 3.30 -1.01 1.74
CA VAL A 6 3.80 -2.06 0.87
C VAL A 6 3.10 -3.39 1.16
N ALA A 7 2.34 -3.42 2.25
CA ALA A 7 1.60 -4.63 2.63
C ALA A 7 1.24 -5.45 1.40
N ARG A 8 0.43 -4.88 0.53
CA ARG A 8 0.00 -5.57 -0.69
C ARG A 8 0.37 -4.78 -1.93
N GLY A 9 1.68 -4.70 -2.21
CA GLY A 9 2.14 -3.96 -3.37
C GLY A 9 1.05 -3.77 -4.41
N TRP A 10 0.41 -2.60 -4.37
CA TRP A 10 -0.66 -2.28 -5.32
C TRP A 10 -0.13 -1.48 -6.50
N GLY A 11 0.52 -2.17 -7.43
CA GLY A 11 1.08 -1.50 -8.60
C GLY A 11 0.08 -1.41 -9.73
N ARG A 12 -1.14 -0.98 -9.43
CA ARG A 12 -2.18 -0.84 -10.43
C ARG A 12 -2.66 0.60 -10.53
N LYS A 13 -3.36 1.06 -9.49
CA LYS A 13 -3.87 2.42 -9.46
C LYS A 13 -3.31 3.19 -8.27
N CYS A 14 -3.77 2.83 -7.07
CA CYS A 14 -3.31 3.49 -5.85
C CYS A 14 -1.96 2.92 -5.40
N PRO A 15 -0.96 3.80 -5.28
CA PRO A 15 0.38 3.40 -4.86
C PRO A 15 0.44 3.00 -3.39
N LEU A 16 -0.14 3.82 -2.53
CA LEU A 16 -0.16 3.56 -1.10
C LEU A 16 -1.60 3.45 -0.59
N PHE A 17 -2.15 2.25 -0.63
CA PHE A 17 -3.52 2.02 -0.18
C PHE A 17 -3.68 2.44 1.28
N GLY A 18 -2.65 2.17 2.09
CA GLY A 18 -2.70 2.54 3.49
C GLY A 18 -3.02 4.01 3.70
N LYS A 1 -1.95 3.20 8.63
CA LYS A 1 -1.53 3.21 7.24
C LYS A 1 -0.02 3.13 7.11
N ASN A 2 0.68 3.61 8.13
CA ASN A 2 2.14 3.59 8.14
C ASN A 2 2.67 2.16 8.32
N LYS A 3 1.96 1.38 9.13
CA LYS A 3 2.35 0.00 9.38
C LYS A 3 2.43 -0.80 8.09
N SER A 4 1.40 -0.67 7.25
CA SER A 4 1.36 -1.38 5.98
C SER A 4 1.27 -0.39 4.82
N ARG A 5 2.41 -0.06 4.24
CA ARG A 5 2.48 0.87 3.13
C ARG A 5 2.99 0.17 1.87
N VAL A 6 3.89 -0.79 2.05
CA VAL A 6 4.45 -1.54 0.93
C VAL A 6 4.22 -3.04 1.09
N ALA A 7 3.55 -3.41 2.17
CA ALA A 7 3.25 -4.81 2.43
C ALA A 7 3.02 -5.58 1.13
N ARG A 8 1.99 -5.19 0.39
CA ARG A 8 1.67 -5.84 -0.87
C ARG A 8 1.68 -4.83 -2.02
N GLY A 9 2.86 -4.33 -2.36
CA GLY A 9 2.97 -3.37 -3.43
C GLY A 9 1.78 -3.39 -4.37
N TRP A 10 0.84 -2.48 -4.14
CA TRP A 10 -0.35 -2.40 -4.97
C TRP A 10 -0.20 -1.35 -6.06
N GLY A 11 0.55 -1.70 -7.11
CA GLY A 11 0.77 -0.77 -8.21
C GLY A 11 -0.46 -0.61 -9.08
N ARG A 12 -1.50 -1.40 -8.80
CA ARG A 12 -2.74 -1.33 -9.57
C ARG A 12 -3.17 0.12 -9.78
N LYS A 13 -3.75 0.71 -8.74
CA LYS A 13 -4.21 2.09 -8.81
C LYS A 13 -3.54 2.95 -7.74
N CYS A 14 -3.53 2.46 -6.51
CA CYS A 14 -2.92 3.18 -5.40
C CYS A 14 -1.81 2.35 -4.76
N PRO A 15 -0.59 2.91 -4.74
CA PRO A 15 0.58 2.23 -4.16
C PRO A 15 0.49 2.13 -2.64
N LEU A 16 -0.38 2.94 -2.05
CA LEU A 16 -0.56 2.94 -0.60
C LEU A 16 -2.01 2.64 -0.23
N PHE A 17 -2.31 1.36 -0.03
CA PHE A 17 -3.66 0.93 0.33
C PHE A 17 -4.10 1.57 1.65
N GLY A 18 -3.13 2.04 2.43
CA GLY A 18 -3.43 2.66 3.70
C GLY A 18 -4.42 3.80 3.57
N LYS A 1 4.32 4.69 11.15
CA LYS A 1 3.05 4.04 10.90
C LYS A 1 3.02 3.42 9.51
N ASN A 2 4.18 2.94 9.06
CA ASN A 2 4.29 2.30 7.75
C ASN A 2 4.02 0.81 7.84
N LYS A 3 2.76 0.45 8.03
CA LYS A 3 2.37 -0.96 8.13
C LYS A 3 1.36 -1.32 7.05
N SER A 4 0.35 -0.48 6.88
CA SER A 4 -0.69 -0.71 5.87
C SER A 4 -0.45 0.15 4.64
N ARG A 5 0.80 0.54 4.42
CA ARG A 5 1.16 1.38 3.28
C ARG A 5 1.96 0.58 2.27
N VAL A 6 2.82 -0.31 2.76
CA VAL A 6 3.64 -1.14 1.89
C VAL A 6 3.41 -2.62 2.15
N ALA A 7 2.53 -2.91 3.11
CA ALA A 7 2.22 -4.30 3.45
C ALA A 7 2.29 -5.20 2.23
N ARG A 8 1.44 -4.95 1.25
CA ARG A 8 1.41 -5.74 0.03
C ARG A 8 1.65 -4.86 -1.20
N GLY A 9 2.87 -4.35 -1.33
CA GLY A 9 3.20 -3.49 -2.46
C GLY A 9 2.24 -3.68 -3.62
N TRP A 10 1.25 -2.80 -3.70
CA TRP A 10 0.27 -2.87 -4.77
C TRP A 10 0.64 -1.94 -5.93
N GLY A 11 1.60 -2.37 -6.73
CA GLY A 11 2.04 -1.57 -7.87
C GLY A 11 1.20 -1.80 -9.10
N ARG A 12 -0.10 -1.58 -8.97
CA ARG A 12 -1.03 -1.78 -10.09
C ARG A 12 -1.76 -0.47 -10.41
N LYS A 13 -2.75 -0.14 -9.60
CA LYS A 13 -3.53 1.09 -9.80
C LYS A 13 -3.31 2.07 -8.66
N CYS A 14 -3.36 1.55 -7.43
CA CYS A 14 -3.15 2.39 -6.25
C CYS A 14 -1.97 1.90 -5.43
N PRO A 15 -0.99 2.79 -5.22
CA PRO A 15 0.22 2.47 -4.46
C PRO A 15 -0.07 2.29 -2.97
N LEU A 16 -1.10 2.97 -2.50
CA LEU A 16 -1.48 2.90 -1.08
C LEU A 16 -2.91 2.40 -0.94
N PHE A 17 -3.07 1.09 -0.76
CA PHE A 17 -4.38 0.50 -0.60
C PHE A 17 -5.18 1.20 0.49
N GLY A 18 -4.46 1.84 1.41
CA GLY A 18 -5.13 2.55 2.50
C GLY A 18 -5.09 4.04 2.31
N LYS A 1 2.31 3.67 11.61
CA LYS A 1 1.44 3.62 10.43
C LYS A 1 2.26 3.57 9.15
N ASN A 2 3.44 2.96 9.24
CA ASN A 2 4.32 2.84 8.08
C ASN A 2 4.55 1.38 7.71
N LYS A 3 3.62 0.52 8.13
CA LYS A 3 3.72 -0.91 7.85
C LYS A 3 2.58 -1.36 6.94
N SER A 4 1.46 -0.64 6.99
CA SER A 4 0.30 -0.97 6.17
C SER A 4 0.27 -0.12 4.90
N ARG A 5 1.45 0.27 4.44
CA ARG A 5 1.56 1.09 3.24
C ARG A 5 2.16 0.28 2.09
N VAL A 6 2.87 -0.79 2.44
CA VAL A 6 3.49 -1.66 1.43
C VAL A 6 3.02 -3.10 1.58
N ALA A 7 2.17 -3.35 2.58
CA ALA A 7 1.65 -4.67 2.83
C ALA A 7 1.47 -5.45 1.52
N ARG A 8 0.60 -4.93 0.65
CA ARG A 8 0.33 -5.57 -0.62
C ARG A 8 0.63 -4.62 -1.79
N GLY A 9 1.90 -4.31 -1.98
CA GLY A 9 2.29 -3.41 -3.05
C GLY A 9 1.23 -3.29 -4.12
N TRP A 10 0.41 -2.25 -4.02
CA TRP A 10 -0.66 -2.02 -5.00
C TRP A 10 -0.22 -1.03 -6.07
N GLY A 11 0.57 -1.51 -7.03
CA GLY A 11 1.04 -0.66 -8.10
C GLY A 11 0.01 -0.48 -9.20
N ARG A 12 -1.17 -1.06 -9.00
CA ARG A 12 -2.24 -0.96 -9.99
C ARG A 12 -2.86 0.43 -9.98
N LYS A 13 -3.61 0.74 -8.93
CA LYS A 13 -4.26 2.04 -8.80
C LYS A 13 -3.80 2.76 -7.53
N CYS A 14 -4.56 2.59 -6.45
CA CYS A 14 -4.23 3.23 -5.18
C CYS A 14 -2.82 2.83 -4.73
N PRO A 15 -1.97 3.85 -4.52
CA PRO A 15 -0.58 3.64 -4.09
C PRO A 15 -0.49 3.13 -2.65
N LEU A 16 -1.21 3.79 -1.74
CA LEU A 16 -1.21 3.40 -0.34
C LEU A 16 -2.62 3.04 0.12
N PHE A 17 -3.00 1.77 -0.04
CA PHE A 17 -4.32 1.31 0.36
C PHE A 17 -4.57 1.59 1.84
N GLY A 18 -3.52 1.45 2.64
CA GLY A 18 -3.65 1.69 4.07
C GLY A 18 -3.77 3.17 4.39
N LYS A 1 -0.99 4.33 10.84
CA LYS A 1 -1.41 3.76 9.56
C LYS A 1 -0.32 3.97 8.51
N ASN A 2 0.93 3.98 8.95
CA ASN A 2 2.06 4.16 8.04
C ASN A 2 2.95 2.92 8.02
N LYS A 3 2.94 2.17 9.12
CA LYS A 3 3.73 0.95 9.22
C LYS A 3 3.52 0.05 8.02
N SER A 4 2.25 -0.21 7.70
CA SER A 4 1.90 -1.06 6.57
C SER A 4 1.80 -0.25 5.28
N ARG A 5 2.94 -0.04 4.63
CA ARG A 5 2.98 0.72 3.39
C ARG A 5 3.37 -0.17 2.21
N VAL A 6 4.05 -1.27 2.51
CA VAL A 6 4.48 -2.22 1.49
C VAL A 6 3.94 -3.61 1.76
N ALA A 7 3.19 -3.75 2.84
CA ALA A 7 2.61 -5.03 3.21
C ALA A 7 2.25 -5.85 1.97
N ARG A 8 1.32 -5.32 1.18
CA ARG A 8 0.89 -5.99 -0.05
C ARG A 8 1.11 -5.11 -1.27
N GLY A 9 2.38 -4.90 -1.62
CA GLY A 9 2.71 -4.07 -2.76
C GLY A 9 1.55 -3.93 -3.72
N TRP A 10 0.81 -2.83 -3.60
CA TRP A 10 -0.34 -2.58 -4.46
C TRP A 10 0.05 -1.68 -5.63
N GLY A 11 0.69 -2.26 -6.64
CA GLY A 11 1.11 -1.51 -7.80
C GLY A 11 0.04 -1.48 -8.89
N ARG A 12 -1.21 -1.31 -8.48
CA ARG A 12 -2.31 -1.28 -9.43
C ARG A 12 -3.06 0.04 -9.35
N LYS A 13 -3.76 0.26 -8.23
CA LYS A 13 -4.51 1.49 -8.02
C LYS A 13 -3.85 2.35 -6.95
N CYS A 14 -4.24 2.12 -5.70
CA CYS A 14 -3.70 2.88 -4.58
C CYS A 14 -2.29 2.40 -4.23
N PRO A 15 -1.32 3.32 -4.24
CA PRO A 15 0.07 3.01 -3.93
C PRO A 15 0.28 2.68 -2.46
N LEU A 16 -0.38 3.43 -1.59
CA LEU A 16 -0.27 3.22 -0.15
C LEU A 16 -1.63 2.92 0.46
N PHE A 17 -1.98 1.63 0.53
CA PHE A 17 -3.25 1.21 1.10
C PHE A 17 -3.33 1.55 2.58
N GLY A 18 -2.22 1.35 3.29
CA GLY A 18 -2.18 1.64 4.71
C GLY A 18 -2.63 3.05 5.02
N LYS A 1 2.41 5.89 11.87
CA LYS A 1 1.30 5.06 11.43
C LYS A 1 1.68 4.27 10.17
N ASN A 2 2.97 3.98 10.04
CA ASN A 2 3.46 3.23 8.88
C ASN A 2 3.63 1.76 9.21
N LYS A 3 2.51 1.07 9.40
CA LYS A 3 2.54 -0.36 9.72
C LYS A 3 2.68 -1.20 8.46
N SER A 4 1.62 -1.26 7.66
CA SER A 4 1.63 -2.03 6.42
C SER A 4 1.41 -1.13 5.22
N ARG A 5 2.49 -0.55 4.69
CA ARG A 5 2.40 0.32 3.54
C ARG A 5 2.98 -0.35 2.29
N VAL A 6 3.77 -1.39 2.51
CA VAL A 6 4.38 -2.12 1.41
C VAL A 6 4.01 -3.60 1.45
N ALA A 7 3.22 -3.97 2.46
CA ALA A 7 2.79 -5.36 2.62
C ALA A 7 2.59 -6.03 1.26
N ARG A 8 1.67 -5.50 0.48
CA ARG A 8 1.36 -6.05 -0.84
C ARG A 8 1.54 -4.99 -1.92
N GLY A 9 2.78 -4.59 -2.16
CA GLY A 9 3.06 -3.58 -3.16
C GLY A 9 1.93 -3.44 -4.17
N TRP A 10 1.06 -2.46 -3.94
CA TRP A 10 -0.07 -2.23 -4.84
C TRP A 10 0.25 -1.13 -5.84
N GLY A 11 1.01 -1.49 -6.87
CA GLY A 11 1.38 -0.53 -7.90
C GLY A 11 0.26 -0.27 -8.88
N ARG A 12 -0.87 -0.96 -8.69
CA ARG A 12 -2.02 -0.81 -9.57
C ARG A 12 -2.57 0.61 -9.51
N LYS A 13 -3.48 0.83 -8.56
CA LYS A 13 -4.09 2.15 -8.39
C LYS A 13 -3.66 2.77 -7.06
N CYS A 14 -4.26 2.30 -5.97
CA CYS A 14 -3.94 2.81 -4.65
C CYS A 14 -2.52 2.42 -4.23
N PRO A 15 -1.68 3.44 -4.04
CA PRO A 15 -0.27 3.23 -3.65
C PRO A 15 -0.14 2.72 -2.22
N LEU A 16 -0.96 3.26 -1.32
CA LEU A 16 -0.93 2.86 0.08
C LEU A 16 -2.29 2.33 0.52
N PHE A 17 -2.48 1.02 0.43
CA PHE A 17 -3.73 0.39 0.82
C PHE A 17 -4.00 0.60 2.31
N GLY A 18 -2.95 0.51 3.11
CA GLY A 18 -3.09 0.69 4.54
C GLY A 18 -3.65 2.05 4.91
N LYS A 1 1.11 2.92 11.36
CA LYS A 1 0.54 3.58 10.19
C LYS A 1 1.43 3.38 8.97
N ASN A 2 2.71 3.15 9.21
CA ASN A 2 3.67 2.94 8.13
C ASN A 2 3.96 1.45 7.94
N LYS A 3 2.99 0.61 8.29
CA LYS A 3 3.14 -0.83 8.16
C LYS A 3 2.19 -1.39 7.10
N SER A 4 1.05 -0.72 6.93
CA SER A 4 0.06 -1.16 5.96
C SER A 4 0.12 -0.30 4.69
N ARG A 5 1.30 0.25 4.43
CA ARG A 5 1.50 1.10 3.26
C ARG A 5 2.27 0.36 2.17
N VAL A 6 3.06 -0.64 2.59
CA VAL A 6 3.86 -1.43 1.66
C VAL A 6 3.54 -2.90 1.80
N ALA A 7 2.81 -3.26 2.84
CA ALA A 7 2.44 -4.65 3.08
C ALA A 7 2.32 -5.42 1.77
N ARG A 8 1.38 -5.00 0.92
CA ARG A 8 1.17 -5.66 -0.36
C ARG A 8 1.33 -4.66 -1.51
N GLY A 9 2.56 -4.21 -1.74
CA GLY A 9 2.81 -3.27 -2.80
C GLY A 9 1.72 -3.26 -3.85
N TRP A 10 0.80 -2.31 -3.73
CA TRP A 10 -0.31 -2.20 -4.68
C TRP A 10 0.00 -1.16 -5.75
N GLY A 11 0.79 -1.55 -6.74
CA GLY A 11 1.14 -0.65 -7.81
C GLY A 11 0.10 -0.62 -8.92
N ARG A 12 -1.03 -1.26 -8.67
CA ARG A 12 -2.11 -1.31 -9.65
C ARG A 12 -2.92 -0.02 -9.65
N LYS A 13 -3.69 0.18 -8.58
CA LYS A 13 -4.51 1.38 -8.45
C LYS A 13 -4.13 2.17 -7.21
N CYS A 14 -4.77 1.86 -6.09
CA CYS A 14 -4.49 2.54 -4.83
C CYS A 14 -3.05 2.33 -4.40
N PRO A 15 -2.32 3.45 -4.20
CA PRO A 15 -0.92 3.42 -3.79
C PRO A 15 -0.74 2.92 -2.36
N LEU A 16 -1.52 3.48 -1.45
CA LEU A 16 -1.46 3.10 -0.04
C LEU A 16 -2.81 2.57 0.45
N PHE A 17 -3.01 1.27 0.30
CA PHE A 17 -4.26 0.64 0.72
C PHE A 17 -4.52 0.91 2.20
N GLY A 18 -3.45 0.89 3.00
CA GLY A 18 -3.59 1.13 4.42
C GLY A 18 -4.16 2.50 4.73
N LYS A 1 -2.48 2.77 9.94
CA LYS A 1 -2.40 2.40 8.54
C LYS A 1 -0.99 2.66 7.99
N ASN A 2 -0.30 3.61 8.59
CA ASN A 2 1.06 3.96 8.17
C ASN A 2 1.99 2.75 8.28
N LYS A 3 1.65 1.84 9.19
CA LYS A 3 2.45 0.64 9.39
C LYS A 3 2.65 -0.12 8.07
N SER A 4 1.56 -0.31 7.34
CA SER A 4 1.62 -1.03 6.07
C SER A 4 1.56 -0.04 4.89
N ARG A 5 2.69 0.17 4.26
CA ARG A 5 2.77 1.09 3.13
C ARG A 5 3.18 0.34 1.85
N VAL A 6 3.96 -0.73 2.02
CA VAL A 6 4.41 -1.52 0.89
C VAL A 6 4.03 -2.99 1.06
N ALA A 7 3.47 -3.33 2.22
CA ALA A 7 3.06 -4.69 2.50
C ALA A 7 2.71 -5.43 1.22
N ARG A 8 1.68 -4.97 0.52
CA ARG A 8 1.25 -5.60 -0.72
C ARG A 8 1.30 -4.60 -1.88
N GLY A 9 2.51 -4.20 -2.26
CA GLY A 9 2.68 -3.27 -3.35
C GLY A 9 1.45 -3.21 -4.26
N TRP A 10 0.59 -2.24 -4.03
CA TRP A 10 -0.61 -2.07 -4.82
C TRP A 10 -0.40 -1.06 -5.94
N GLY A 11 0.29 -1.48 -7.00
CA GLY A 11 0.54 -0.59 -8.11
C GLY A 11 -0.68 -0.38 -8.98
N ARG A 12 -1.71 -1.17 -8.75
CA ARG A 12 -2.95 -1.07 -9.51
C ARG A 12 -3.38 0.40 -9.65
N LYS A 13 -3.92 0.94 -8.57
CA LYS A 13 -4.36 2.33 -8.56
C LYS A 13 -3.63 3.14 -7.49
N CYS A 14 -3.92 2.86 -6.23
CA CYS A 14 -3.27 3.56 -5.12
C CYS A 14 -2.07 2.77 -4.61
N PRO A 15 -0.89 3.42 -4.63
CA PRO A 15 0.35 2.81 -4.17
C PRO A 15 0.38 2.60 -2.66
N LEU A 16 -0.42 3.38 -1.94
CA LEU A 16 -0.49 3.28 -0.49
C LEU A 16 -1.92 2.99 -0.03
N PHE A 17 -2.23 1.71 0.13
CA PHE A 17 -3.56 1.30 0.57
C PHE A 17 -3.96 2.03 1.84
N GLY A 18 -2.97 2.49 2.60
CA GLY A 18 -3.25 3.20 3.84
C GLY A 18 -3.60 4.65 3.60
N LYS A 1 -4.34 2.56 11.09
CA LYS A 1 -2.91 2.44 10.91
C LYS A 1 -2.49 2.94 9.52
N ASN A 2 -1.56 3.88 9.50
CA ASN A 2 -1.07 4.44 8.24
C ASN A 2 0.42 4.19 8.07
N LYS A 3 0.84 2.95 8.29
CA LYS A 3 2.25 2.58 8.16
C LYS A 3 2.43 1.51 7.08
N SER A 4 1.34 1.18 6.40
CA SER A 4 1.39 0.17 5.34
C SER A 4 1.79 0.79 4.01
N ARG A 5 3.07 0.69 3.67
CA ARG A 5 3.58 1.25 2.43
C ARG A 5 3.73 0.16 1.36
N VAL A 6 4.20 -1.01 1.78
CA VAL A 6 4.38 -2.13 0.88
C VAL A 6 3.64 -3.37 1.37
N ALA A 7 3.07 -3.28 2.56
CA ALA A 7 2.33 -4.39 3.15
C ALA A 7 1.74 -5.28 2.06
N ARG A 8 0.83 -4.73 1.27
CA ARG A 8 0.19 -5.48 0.20
C ARG A 8 0.43 -4.81 -1.15
N GLY A 9 1.67 -4.84 -1.61
CA GLY A 9 2.01 -4.23 -2.88
C GLY A 9 0.80 -4.05 -3.77
N TRP A 10 0.25 -2.84 -3.79
CA TRP A 10 -0.92 -2.55 -4.61
C TRP A 10 -0.51 -1.87 -5.91
N GLY A 11 -0.05 -2.68 -6.87
CA GLY A 11 0.36 -2.14 -8.15
C GLY A 11 -0.82 -1.86 -9.07
N ARG A 12 -2.02 -2.09 -8.57
CA ARG A 12 -3.22 -1.87 -9.36
C ARG A 12 -3.38 -0.39 -9.70
N LYS A 13 -3.67 0.43 -8.70
CA LYS A 13 -3.84 1.86 -8.89
C LYS A 13 -2.87 2.65 -8.02
N CYS A 14 -3.16 2.75 -6.73
CA CYS A 14 -2.31 3.47 -5.80
C CYS A 14 -1.26 2.55 -5.21
N PRO A 15 0.02 2.91 -5.38
CA PRO A 15 1.15 2.12 -4.86
C PRO A 15 1.24 2.19 -3.34
N LEU A 16 0.69 3.25 -2.76
CA LEU A 16 0.72 3.43 -1.32
C LEU A 16 -0.69 3.59 -0.77
N PHE A 17 -1.30 2.49 -0.38
CA PHE A 17 -2.65 2.50 0.17
C PHE A 17 -2.67 3.14 1.56
N GLY A 18 -1.56 3.01 2.27
CA GLY A 18 -1.47 3.59 3.61
C GLY A 18 -0.83 4.95 3.61
N LYS A 1 2.30 4.56 12.79
CA LYS A 1 1.73 5.16 11.58
C LYS A 1 2.12 4.37 10.34
N ASN A 2 3.30 3.75 10.38
CA ASN A 2 3.78 2.96 9.26
C ASN A 2 3.18 1.56 9.28
N LYS A 3 1.86 1.48 9.20
CA LYS A 3 1.16 0.20 9.22
C LYS A 3 1.48 -0.61 7.96
N SER A 4 0.43 -0.94 7.20
CA SER A 4 0.59 -1.70 5.97
C SER A 4 0.44 -0.80 4.75
N ARG A 5 1.53 -0.19 4.32
CA ARG A 5 1.51 0.69 3.17
C ARG A 5 2.26 0.06 1.99
N VAL A 6 3.13 -0.90 2.28
CA VAL A 6 3.90 -1.59 1.26
C VAL A 6 3.67 -3.09 1.30
N ALA A 7 2.87 -3.53 2.26
CA ALA A 7 2.57 -4.95 2.42
C ALA A 7 2.55 -5.65 1.06
N ARG A 8 1.62 -5.24 0.21
CA ARG A 8 1.48 -5.83 -1.11
C ARG A 8 1.62 -4.78 -2.20
N GLY A 9 2.84 -4.24 -2.35
CA GLY A 9 3.08 -3.22 -3.36
C GLY A 9 2.03 -3.22 -4.45
N TRP A 10 1.03 -2.34 -4.30
CA TRP A 10 -0.04 -2.24 -5.28
C TRP A 10 0.24 -1.14 -6.30
N GLY A 11 1.12 -1.43 -7.25
CA GLY A 11 1.46 -0.45 -8.26
C GLY A 11 0.53 -0.50 -9.46
N ARG A 12 -0.77 -0.52 -9.20
CA ARG A 12 -1.77 -0.57 -10.25
C ARG A 12 -2.71 0.63 -10.18
N LYS A 13 -3.52 0.67 -9.13
CA LYS A 13 -4.46 1.78 -8.95
C LYS A 13 -4.20 2.50 -7.62
N CYS A 14 -4.58 1.86 -6.52
CA CYS A 14 -4.39 2.44 -5.19
C CYS A 14 -2.96 2.24 -4.73
N PRO A 15 -2.28 3.35 -4.41
CA PRO A 15 -0.89 3.33 -3.94
C PRO A 15 -0.76 2.75 -2.54
N LEU A 16 -1.62 3.20 -1.63
CA LEU A 16 -1.59 2.73 -0.25
C LEU A 16 -2.93 2.10 0.13
N PHE A 17 -3.08 0.80 -0.15
CA PHE A 17 -4.32 0.10 0.15
C PHE A 17 -4.65 0.22 1.64
N GLY A 18 -3.63 0.20 2.48
CA GLY A 18 -3.85 0.31 3.92
C GLY A 18 -4.39 1.68 4.31
N LYS A 1 1.24 3.76 11.02
CA LYS A 1 0.10 3.85 10.12
C LYS A 1 0.55 4.18 8.70
N ASN A 2 1.69 4.86 8.59
CA ASN A 2 2.22 5.24 7.29
C ASN A 2 3.49 4.45 6.97
N LYS A 3 3.56 3.23 7.50
CA LYS A 3 4.72 2.37 7.27
C LYS A 3 4.33 1.12 6.50
N SER A 4 3.09 0.68 6.69
CA SER A 4 2.58 -0.51 6.02
C SER A 4 1.73 -0.13 4.81
N ARG A 5 2.39 0.17 3.69
CA ARG A 5 1.70 0.56 2.47
C ARG A 5 2.03 -0.40 1.33
N VAL A 6 2.94 -1.33 1.60
CA VAL A 6 3.35 -2.31 0.59
C VAL A 6 3.14 -3.74 1.09
N ALA A 7 2.90 -3.88 2.39
CA ALA A 7 2.68 -5.18 2.99
C ALA A 7 2.09 -6.15 1.98
N ARG A 8 0.87 -5.86 1.53
CA ARG A 8 0.19 -6.72 0.57
C ARG A 8 -0.15 -5.94 -0.70
N GLY A 9 0.88 -5.55 -1.45
CA GLY A 9 0.68 -4.80 -2.67
C GLY A 9 -0.73 -4.95 -3.21
N TRP A 10 -1.58 -3.98 -2.91
CA TRP A 10 -2.96 -4.01 -3.37
C TRP A 10 -3.14 -3.17 -4.63
N GLY A 11 -3.05 -1.85 -4.47
CA GLY A 11 -3.19 -0.95 -5.60
C GLY A 11 -1.99 -0.07 -5.80
N ARG A 12 -1.07 -0.50 -6.66
CA ARG A 12 0.14 0.25 -6.95
C ARG A 12 -0.18 1.72 -7.22
N LYS A 13 -1.36 1.96 -7.78
CA LYS A 13 -1.79 3.32 -8.09
C LYS A 13 -2.86 3.79 -7.11
N CYS A 14 -3.47 2.83 -6.40
CA CYS A 14 -4.52 3.15 -5.44
C CYS A 14 -3.93 3.25 -4.03
N PRO A 15 -4.11 4.42 -3.41
CA PRO A 15 -3.61 4.68 -2.05
C PRO A 15 -4.38 3.89 -0.98
N LEU A 16 -4.75 2.66 -1.33
CA LEU A 16 -5.49 1.80 -0.41
C LEU A 16 -4.89 1.87 1.00
N PHE A 17 -3.70 1.30 1.15
CA PHE A 17 -3.02 1.30 2.44
C PHE A 17 -1.79 2.21 2.42
N GLY A 18 -1.75 3.11 1.44
CA GLY A 18 -0.64 4.03 1.32
C GLY A 18 -1.05 5.47 1.48
N LYS A 1 4.98 3.65 12.19
CA LYS A 1 4.98 3.04 10.86
C LYS A 1 3.98 1.89 10.79
N ASN A 2 2.93 1.98 11.60
CA ASN A 2 1.91 0.94 11.64
C ASN A 2 1.05 0.98 10.38
N LYS A 3 0.95 2.16 9.77
CA LYS A 3 0.16 2.34 8.56
C LYS A 3 0.54 1.29 7.51
N SER A 4 -0.32 0.29 7.35
CA SER A 4 -0.08 -0.78 6.39
C SER A 4 -0.63 -0.40 5.01
N ARG A 5 0.20 0.28 4.22
CA ARG A 5 -0.20 0.71 2.88
C ARG A 5 0.69 0.06 1.82
N VAL A 6 1.78 -0.53 2.27
CA VAL A 6 2.72 -1.18 1.35
C VAL A 6 2.95 -2.64 1.76
N ALA A 7 2.42 -3.02 2.91
CA ALA A 7 2.58 -4.38 3.41
C ALA A 7 2.67 -5.38 2.26
N ARG A 8 1.60 -5.50 1.48
CA ARG A 8 1.56 -6.41 0.35
C ARG A 8 1.27 -5.67 -0.95
N GLY A 9 2.21 -4.86 -1.39
CA GLY A 9 2.03 -4.10 -2.61
C GLY A 9 0.94 -4.67 -3.49
N TRP A 10 -0.26 -4.11 -3.38
CA TRP A 10 -1.41 -4.57 -4.17
C TRP A 10 -1.57 -3.73 -5.42
N GLY A 11 -2.01 -2.48 -5.25
CA GLY A 11 -2.21 -1.60 -6.38
C GLY A 11 -1.40 -0.31 -6.25
N ARG A 12 -0.23 -0.29 -6.89
CA ARG A 12 0.63 0.89 -6.84
C ARG A 12 -0.17 2.16 -7.08
N LYS A 13 -1.20 2.07 -7.91
CA LYS A 13 -2.06 3.21 -8.22
C LYS A 13 -3.41 3.08 -7.55
N CYS A 14 -3.74 1.86 -7.12
CA CYS A 14 -5.01 1.60 -6.44
C CYS A 14 -4.88 1.80 -4.95
N PRO A 15 -5.71 2.72 -4.40
CA PRO A 15 -5.71 3.03 -2.96
C PRO A 15 -6.27 1.88 -2.13
N LEU A 16 -5.95 0.66 -2.53
CA LEU A 16 -6.42 -0.53 -1.81
C LEU A 16 -6.24 -0.36 -0.31
N PHE A 17 -4.99 -0.36 0.14
CA PHE A 17 -4.67 -0.20 1.55
C PHE A 17 -3.98 1.14 1.81
N GLY A 18 -4.07 2.04 0.84
CA GLY A 18 -3.45 3.35 0.99
C GLY A 18 -4.20 4.24 1.96
#